data_5DGJ
#
_entry.id   5DGJ
#
_cell.length_a   65.169
_cell.length_b   41.176
_cell.length_c   61.679
_cell.angle_alpha   90.000
_cell.angle_beta   109.360
_cell.angle_gamma   90.000
#
_symmetry.space_group_name_H-M   'C 1 2 1'
#
loop_
_entity.id
_entity.type
_entity.pdbx_description
1 polymer '3C-LIKE PROTEASE'
2 non-polymer 'tert-butyl [(4S,7S,10S)-7-(cyclohexylmethyl)-10-(hydroxymethyl)-5,8,13-trioxo-22-oxa-6,9,14,20,21-pentaazabicyclo[17.2.1]docosa-1(21),19-dien-4-yl]carbamate'
3 water water
#
_entity_poly.entity_id   1
_entity_poly.type   'polypeptide(L)'
_entity_poly.pdbx_seq_one_letter_code
;MHHHHHHAPPTLWSRVTKFGSGWGFWVSPTVFITTTHVVPTGVKEFFGEPLSSIAIHQAGEFTQFRFSKKMRPDLTGMVL
EEGCPEGTVCSVLIKRDSGELLPLAVRMGAIASMRIQGRLVHGQSGMLLTGANAKGMDLGTIPGDCGAPYVHKRGNDWVV
CGVHAAATKSGNTVVCAVQAGEGETALE
;
_entity_poly.pdbx_strand_id   A
#
loop_
_chem_comp.id
_chem_comp.type
_chem_comp.name
_chem_comp.formula
V64 non-polymer 'tert-butyl [(4S,7S,10S)-7-(cyclohexylmethyl)-10-(hydroxymethyl)-5,8,13-trioxo-22-oxa-6,9,14,20,21-pentaazabicyclo[17.2.1]docosa-1(21),19-dien-4-yl]carbamate' 'C29 H48 N6 O7'
#
# COMPACT_ATOMS: atom_id res chain seq x y z
N HIS A 6 -5.93 5.16 -16.29
CA HIS A 6 -7.04 5.51 -15.34
C HIS A 6 -6.50 6.34 -14.20
N HIS A 7 -7.11 7.50 -13.96
CA HIS A 7 -6.71 8.37 -12.87
C HIS A 7 -7.42 7.96 -11.58
N ALA A 8 -6.66 7.76 -10.52
CA ALA A 8 -7.25 7.52 -9.22
C ALA A 8 -8.11 8.71 -8.82
N PRO A 9 -9.36 8.52 -8.44
CA PRO A 9 -10.21 9.66 -8.06
C PRO A 9 -9.86 10.20 -6.68
N PRO A 10 -10.33 11.40 -6.35
CA PRO A 10 -10.00 11.99 -5.05
C PRO A 10 -10.33 11.09 -3.86
N THR A 11 -11.47 10.39 -3.87
CA THR A 11 -11.79 9.55 -2.73
C THR A 11 -10.76 8.44 -2.56
N LEU A 12 -10.21 7.92 -3.65
CA LEU A 12 -9.18 6.90 -3.56
C LEU A 12 -7.90 7.47 -2.91
N TRP A 13 -7.48 8.65 -3.34
CA TRP A 13 -6.32 9.28 -2.71
C TRP A 13 -6.57 9.62 -1.23
N SER A 14 -7.82 9.91 -0.87
CA SER A 14 -8.13 10.24 0.51
C SER A 14 -7.91 9.07 1.45
N ARG A 15 -7.74 7.87 0.92
CA ARG A 15 -7.44 6.69 1.72
C ARG A 15 -5.98 6.60 2.12
N VAL A 16 -5.09 7.31 1.41
CA VAL A 16 -3.64 7.23 1.63
C VAL A 16 -3.31 8.14 2.80
N THR A 17 -2.71 7.58 3.84
CA THR A 17 -2.63 8.22 5.14
C THR A 17 -1.22 8.07 5.69
N LYS A 18 -0.65 9.16 6.20
CA LYS A 18 0.65 9.09 6.84
C LYS A 18 0.58 8.12 8.03
N PHE A 19 1.61 7.29 8.16
CA PHE A 19 1.59 6.28 9.21
C PHE A 19 3.03 5.89 9.55
N GLY A 20 3.41 6.02 10.81
CA GLY A 20 4.74 5.58 11.18
C GLY A 20 5.78 6.30 10.35
N SER A 21 6.76 5.56 9.85
CA SER A 21 7.80 6.14 9.01
C SER A 21 7.43 6.14 7.53
N GLY A 22 6.16 5.93 7.21
CA GLY A 22 5.72 5.89 5.84
C GLY A 22 4.27 6.23 5.72
N TRP A 23 3.52 5.34 5.06
CA TRP A 23 2.15 5.54 4.68
C TRP A 23 1.38 4.25 4.88
N GLY A 24 0.07 4.37 4.88
CA GLY A 24 -0.79 3.22 4.72
C GLY A 24 -2.06 3.62 4.00
N PHE A 25 -3.01 2.71 3.94
CA PHE A 25 -4.14 2.85 3.06
C PHE A 25 -5.40 2.25 3.70
N TRP A 26 -6.47 3.03 3.74
CA TRP A 26 -7.76 2.55 4.20
C TRP A 26 -8.47 1.78 3.09
N VAL A 27 -8.59 0.47 3.26
CA VAL A 27 -9.36 -0.40 2.38
C VAL A 27 -10.85 -0.20 2.58
N SER A 28 -11.26 0.13 3.81
CA SER A 28 -12.67 0.26 4.16
C SER A 28 -12.74 1.14 5.39
N PRO A 29 -13.93 1.37 5.95
CA PRO A 29 -13.99 2.16 7.19
C PRO A 29 -13.24 1.56 8.36
N THR A 30 -12.99 0.26 8.36
CA THR A 30 -12.36 -0.42 9.49
C THR A 30 -11.02 -1.06 9.18
N VAL A 31 -10.60 -1.17 7.91
CA VAL A 31 -9.42 -1.94 7.55
C VAL A 31 -8.36 -1.00 6.97
N PHE A 32 -7.17 -1.04 7.57
CA PHE A 32 -6.03 -0.22 7.17
C PHE A 32 -4.86 -1.15 6.90
N ILE A 33 -4.15 -0.92 5.79
CA ILE A 33 -3.00 -1.74 5.42
C ILE A 33 -1.76 -0.88 5.28
N THR A 34 -0.61 -1.49 5.56
CA THR A 34 0.66 -0.81 5.45
C THR A 34 1.75 -1.87 5.35
N THR A 35 2.99 -1.39 5.22
CA THR A 35 4.17 -2.25 5.18
CA THR A 35 4.16 -2.26 5.19
C THR A 35 4.72 -2.40 6.60
N THR A 36 5.01 -3.63 7.00
CA THR A 36 5.32 -3.91 8.40
C THR A 36 6.46 -3.04 8.92
N HIS A 37 7.52 -2.85 8.12
CA HIS A 37 8.67 -2.16 8.68
C HIS A 37 8.43 -0.69 8.96
N VAL A 38 7.34 -0.08 8.47
CA VAL A 38 7.07 1.31 8.81
C VAL A 38 6.19 1.43 10.06
N VAL A 39 5.67 0.33 10.57
CA VAL A 39 4.77 0.36 11.73
C VAL A 39 5.57 0.75 12.97
N PRO A 40 5.11 1.69 13.79
CA PRO A 40 5.85 2.01 15.00
C PRO A 40 5.75 0.89 16.03
N THR A 41 6.81 0.77 16.82
CA THR A 41 6.84 -0.18 17.92
C THR A 41 6.83 0.57 19.24
N GLY A 42 6.51 -0.16 20.31
CA GLY A 42 6.45 0.44 21.62
C GLY A 42 5.33 1.43 21.79
N VAL A 43 4.23 1.27 21.04
CA VAL A 43 3.07 2.14 21.15
C VAL A 43 1.92 1.35 21.75
N LYS A 44 0.95 2.10 22.29
CA LYS A 44 -0.21 1.53 22.96
C LYS A 44 -1.47 1.72 22.16
N GLU A 45 -1.37 2.35 20.98
CA GLU A 45 -2.54 2.69 20.19
C GLU A 45 -2.06 2.92 18.76
N PHE A 46 -3.01 2.79 17.84
CA PHE A 46 -2.87 3.24 16.47
C PHE A 46 -4.08 4.10 16.16
N PHE A 47 -3.86 5.31 15.63
CA PHE A 47 -4.94 6.26 15.34
C PHE A 47 -5.84 6.48 16.55
N GLY A 48 -5.23 6.45 17.75
CA GLY A 48 -5.92 6.69 18.99
C GLY A 48 -6.67 5.52 19.57
N GLU A 49 -6.71 4.40 18.86
CA GLU A 49 -7.44 3.22 19.31
C GLU A 49 -6.49 2.29 20.05
N PRO A 50 -6.88 1.78 21.21
CA PRO A 50 -5.99 0.93 22.00
C PRO A 50 -5.77 -0.40 21.28
N LEU A 51 -4.62 -1.02 21.55
CA LEU A 51 -4.27 -2.30 20.94
C LEU A 51 -5.37 -3.33 21.13
N SER A 52 -6.01 -3.34 22.29
CA SER A 52 -7.02 -4.36 22.55
C SER A 52 -8.23 -4.25 21.63
N SER A 53 -8.39 -3.14 20.93
CA SER A 53 -9.53 -2.93 20.04
CA SER A 53 -9.52 -2.91 20.04
C SER A 53 -9.17 -3.11 18.58
N ILE A 54 -8.00 -3.66 18.28
CA ILE A 54 -7.54 -3.78 16.90
C ILE A 54 -7.13 -5.22 16.65
N ALA A 55 -7.66 -5.81 15.58
CA ALA A 55 -7.24 -7.13 15.14
C ALA A 55 -6.12 -6.95 14.14
N ILE A 56 -5.01 -7.61 14.37
CA ILE A 56 -3.85 -7.48 13.51
CA ILE A 56 -3.79 -7.51 13.56
C ILE A 56 -3.68 -8.78 12.72
N HIS A 57 -3.37 -8.61 11.44
CA HIS A 57 -3.09 -9.74 10.57
C HIS A 57 -1.89 -9.35 9.73
N GLN A 58 -0.72 -9.87 10.08
CA GLN A 58 0.47 -9.48 9.35
CA GLN A 58 0.57 -9.47 9.51
C GLN A 58 1.36 -10.69 9.09
N ALA A 59 2.09 -10.59 7.97
CA ALA A 59 3.09 -11.57 7.53
C ALA A 59 3.87 -10.99 6.34
N GLY A 60 5.17 -11.32 6.19
CA GLY A 60 5.87 -11.08 4.91
C GLY A 60 5.95 -9.63 4.45
N GLU A 61 6.06 -8.71 5.40
CA GLU A 61 6.08 -7.25 5.25
C GLU A 61 4.74 -6.63 4.94
N PHE A 62 3.66 -7.40 4.98
CA PHE A 62 2.31 -6.85 4.85
C PHE A 62 1.66 -6.83 6.23
N THR A 63 1.15 -5.68 6.64
CA THR A 63 0.38 -5.56 7.88
C THR A 63 -1.02 -5.04 7.60
N GLN A 64 -2.01 -5.73 8.14
CA GLN A 64 -3.40 -5.28 8.15
C GLN A 64 -3.85 -5.05 9.58
N PHE A 65 -4.54 -3.93 9.78
CA PHE A 65 -5.25 -3.61 11.01
CA PHE A 65 -5.23 -3.61 11.02
C PHE A 65 -6.73 -3.62 10.72
N ARG A 66 -7.51 -4.27 11.57
CA ARG A 66 -8.98 -4.20 11.51
C ARG A 66 -9.45 -3.60 12.83
N PHE A 67 -9.93 -2.37 12.78
CA PHE A 67 -10.39 -1.68 13.96
C PHE A 67 -11.79 -2.13 14.31
N SER A 68 -12.06 -2.18 15.62
CA SER A 68 -13.38 -2.57 16.10
CA SER A 68 -13.39 -2.57 16.08
C SER A 68 -14.42 -1.49 15.82
N LYS A 69 -14.00 -0.25 15.73
CA LYS A 69 -14.93 0.81 15.40
C LYS A 69 -14.70 1.30 13.99
N LYS A 70 -15.76 1.82 13.39
CA LYS A 70 -15.66 2.48 12.09
C LYS A 70 -14.82 3.73 12.26
N MET A 71 -13.67 3.76 11.61
CA MET A 71 -12.75 4.88 11.68
C MET A 71 -12.91 5.86 10.53
N ARG A 72 -13.27 5.35 9.36
CA ARG A 72 -13.39 6.15 8.14
C ARG A 72 -14.70 5.83 7.45
N PRO A 73 -15.84 6.17 8.08
CA PRO A 73 -17.14 5.86 7.47
C PRO A 73 -17.43 6.63 6.20
N ASP A 74 -16.62 7.62 5.86
CA ASP A 74 -16.72 8.27 4.56
C ASP A 74 -16.40 7.33 3.40
N LEU A 75 -15.71 6.22 3.64
CA LEU A 75 -15.21 5.35 2.59
C LEU A 75 -16.12 4.15 2.35
N THR A 76 -16.24 3.77 1.09
CA THR A 76 -16.77 2.45 0.76
C THR A 76 -15.70 1.39 0.99
N GLY A 77 -16.13 0.14 1.17
CA GLY A 77 -15.18 -0.95 1.22
C GLY A 77 -14.77 -1.35 -0.18
N MET A 78 -13.47 -1.47 -0.40
CA MET A 78 -12.98 -1.89 -1.70
C MET A 78 -12.28 -3.23 -1.59
N VAL A 79 -11.98 -3.81 -2.74
CA VAL A 79 -11.38 -5.14 -2.80
C VAL A 79 -9.88 -5.05 -2.61
N LEU A 80 -9.37 -5.85 -1.66
CA LEU A 80 -7.95 -6.11 -1.46
C LEU A 80 -7.66 -7.51 -1.99
N GLU A 81 -6.74 -7.60 -2.93
CA GLU A 81 -6.32 -8.87 -3.50
C GLU A 81 -4.85 -9.13 -3.19
N GLU A 82 -4.48 -10.41 -3.20
CA GLU A 82 -3.08 -10.83 -3.03
C GLU A 82 -2.33 -10.67 -4.35
N GLY A 83 -1.80 -9.47 -4.58
CA GLY A 83 -1.15 -9.21 -5.83
C GLY A 83 -2.15 -9.14 -6.97
N CYS A 84 -1.60 -9.12 -8.18
CA CYS A 84 -2.40 -8.97 -9.40
C CYS A 84 -1.84 -9.85 -10.51
N PRO A 85 -2.58 -10.06 -11.59
CA PRO A 85 -2.05 -10.88 -12.67
C PRO A 85 -0.79 -10.28 -13.26
N GLU A 86 0.14 -11.14 -13.65
CA GLU A 86 1.31 -10.66 -14.34
C GLU A 86 0.93 -9.77 -15.51
N GLY A 87 1.64 -8.67 -15.65
CA GLY A 87 1.41 -7.76 -16.74
C GLY A 87 0.46 -6.63 -16.41
N THR A 88 -0.23 -6.72 -15.27
CA THR A 88 -1.10 -5.62 -14.87
C THR A 88 -0.26 -4.36 -14.70
N VAL A 89 -0.80 -3.24 -15.17
CA VAL A 89 -0.20 -1.95 -14.88
C VAL A 89 -0.90 -1.37 -13.66
N CYS A 90 -0.15 -1.22 -12.58
CA CYS A 90 -0.67 -0.60 -11.38
C CYS A 90 -0.21 0.84 -11.30
N SER A 91 -0.90 1.60 -10.46
CA SER A 91 -0.43 2.90 -10.01
CA SER A 91 -0.44 2.91 -10.01
C SER A 91 -0.06 2.79 -8.55
N VAL A 92 1.12 3.27 -8.20
CA VAL A 92 1.53 3.39 -6.81
C VAL A 92 1.13 4.79 -6.37
N LEU A 93 0.29 4.87 -5.34
CA LEU A 93 -0.31 6.15 -4.93
C LEU A 93 0.61 6.82 -3.91
N ILE A 94 1.65 7.45 -4.45
CA ILE A 94 2.61 8.15 -3.62
CA ILE A 94 2.65 8.18 -3.67
C ILE A 94 2.08 9.54 -3.30
N LYS A 95 2.20 9.92 -2.03
CA LYS A 95 1.88 11.26 -1.57
C LYS A 95 3.13 11.86 -0.96
N ARG A 96 3.37 13.14 -1.20
CA ARG A 96 4.41 13.88 -0.51
CA ARG A 96 4.40 13.88 -0.50
C ARG A 96 3.85 14.46 0.78
N ASP A 97 4.76 14.82 1.69
CA ASP A 97 4.35 15.50 2.92
C ASP A 97 3.55 16.76 2.63
N SER A 98 3.84 17.46 1.54
CA SER A 98 3.11 18.67 1.18
C SER A 98 1.66 18.39 0.82
N GLY A 99 1.32 17.12 0.52
CA GLY A 99 0.03 16.75 -0.01
C GLY A 99 0.01 16.57 -1.51
N GLU A 100 1.09 16.88 -2.19
CA GLU A 100 1.20 16.61 -3.62
C GLU A 100 1.01 15.13 -3.90
N LEU A 101 0.28 14.83 -4.96
CA LEU A 101 -0.04 13.47 -5.37
C LEU A 101 0.84 13.07 -6.54
N LEU A 102 1.46 11.90 -6.44
CA LEU A 102 2.39 11.43 -7.47
C LEU A 102 2.10 9.99 -7.83
N PRO A 103 1.10 9.75 -8.67
CA PRO A 103 0.85 8.37 -9.11
C PRO A 103 1.99 7.89 -9.99
N LEU A 104 2.51 6.71 -9.69
CA LEU A 104 3.64 6.12 -10.41
CA LEU A 104 3.62 6.14 -10.47
C LEU A 104 3.17 4.84 -11.09
N ALA A 105 3.25 4.78 -12.41
CA ALA A 105 2.84 3.58 -13.14
C ALA A 105 3.94 2.52 -13.10
N VAL A 106 3.52 1.28 -12.84
CA VAL A 106 4.42 0.14 -12.70
CA VAL A 106 4.43 0.14 -12.72
C VAL A 106 3.82 -1.06 -13.43
N ARG A 107 4.63 -1.74 -14.24
CA ARG A 107 4.26 -2.99 -14.89
C ARG A 107 4.60 -4.14 -13.94
N MET A 108 3.60 -4.91 -13.53
CA MET A 108 3.84 -5.93 -12.53
C MET A 108 4.31 -7.25 -13.14
N GLY A 109 5.20 -7.90 -12.39
CA GLY A 109 5.73 -9.21 -12.72
C GLY A 109 5.21 -10.27 -11.79
N ALA A 110 6.10 -11.15 -11.31
CA ALA A 110 5.69 -12.33 -10.58
C ALA A 110 5.56 -12.08 -9.09
N ILE A 111 4.57 -12.74 -8.49
CA ILE A 111 4.46 -12.88 -7.05
C ILE A 111 5.44 -13.94 -6.61
N ALA A 112 6.22 -13.64 -5.57
CA ALA A 112 7.28 -14.56 -5.18
C ALA A 112 7.66 -14.33 -3.73
N SER A 113 8.36 -15.31 -3.19
CA SER A 113 8.98 -15.20 -1.88
C SER A 113 10.41 -14.71 -2.05
N MET A 114 10.74 -13.61 -1.36
CA MET A 114 12.00 -12.91 -1.56
C MET A 114 12.60 -12.55 -0.22
N ARG A 115 13.91 -12.74 -0.10
CA ARG A 115 14.66 -12.25 1.03
C ARG A 115 15.18 -10.86 0.69
N ILE A 116 14.74 -9.86 1.44
CA ILE A 116 15.15 -8.48 1.23
C ILE A 116 15.75 -7.99 2.53
N GLN A 117 17.04 -7.68 2.50
CA GLN A 117 17.79 -7.26 3.68
C GLN A 117 17.51 -8.19 4.87
N GLY A 118 17.55 -9.49 4.58
CA GLY A 118 17.43 -10.49 5.63
C GLY A 118 16.05 -10.69 6.20
N ARG A 119 15.02 -10.12 5.58
CA ARG A 119 13.64 -10.28 6.01
C ARG A 119 12.85 -11.04 4.95
N LEU A 120 11.97 -11.93 5.41
CA LEU A 120 11.12 -12.68 4.49
C LEU A 120 10.01 -11.78 3.97
N VAL A 121 9.93 -11.63 2.66
CA VAL A 121 8.96 -10.78 2.00
C VAL A 121 8.18 -11.61 1.00
N HIS A 122 6.87 -11.70 1.19
CA HIS A 122 5.97 -12.25 0.19
C HIS A 122 5.49 -11.05 -0.60
N GLY A 123 5.92 -10.97 -1.85
CA GLY A 123 5.74 -9.75 -2.57
C GLY A 123 5.56 -9.99 -4.06
N GLN A 124 5.39 -8.89 -4.76
CA GLN A 124 5.28 -8.90 -6.20
C GLN A 124 6.26 -7.89 -6.75
N SER A 125 7.11 -8.31 -7.68
CA SER A 125 8.03 -7.39 -8.33
CA SER A 125 8.01 -7.36 -8.29
C SER A 125 7.33 -6.66 -9.47
N GLY A 126 7.87 -5.49 -9.81
CA GLY A 126 7.41 -4.74 -10.96
C GLY A 126 8.51 -3.84 -11.45
N MET A 127 8.30 -3.29 -12.64
CA MET A 127 9.23 -2.36 -13.24
C MET A 127 8.50 -1.06 -13.53
N LEU A 128 9.08 0.06 -13.11
CA LEU A 128 8.45 1.35 -13.39
C LEU A 128 8.23 1.48 -14.88
N LEU A 129 7.07 2.01 -15.25
CA LEU A 129 6.67 2.18 -16.65
C LEU A 129 7.02 3.60 -17.03
N THR A 130 8.27 3.77 -17.48
CA THR A 130 8.82 5.08 -17.81
C THR A 130 7.91 5.84 -18.75
N GLY A 131 7.34 5.15 -19.72
CA GLY A 131 6.51 5.78 -20.73
C GLY A 131 5.19 6.30 -20.23
N ALA A 132 4.82 6.00 -18.97
CA ALA A 132 3.55 6.44 -18.41
C ALA A 132 3.74 7.36 -17.22
N ASN A 133 4.98 7.78 -16.95
CA ASN A 133 5.29 8.71 -15.90
C ASN A 133 5.97 9.93 -16.51
N ALA A 134 5.85 11.08 -15.85
CA ALA A 134 6.51 12.28 -16.34
C ALA A 134 7.98 12.02 -16.56
N LYS A 135 8.54 12.68 -17.56
CA LYS A 135 9.97 12.54 -17.82
C LYS A 135 10.76 12.86 -16.56
N GLY A 136 11.66 11.95 -16.20
CA GLY A 136 12.51 12.11 -15.04
C GLY A 136 11.85 11.76 -13.72
N MET A 137 10.57 11.41 -13.73
CA MET A 137 9.83 11.05 -12.52
C MET A 137 10.04 9.57 -12.30
N ASP A 138 11.01 9.22 -11.47
CA ASP A 138 11.39 7.83 -11.25
C ASP A 138 11.84 7.66 -9.81
N LEU A 139 12.45 6.52 -9.52
CA LEU A 139 12.82 6.15 -8.15
C LEU A 139 13.72 7.21 -7.51
N GLY A 144 10.95 8.14 -1.23
N GLY A 144 11.05 7.31 1.92
CA GLY A 144 11.62 6.98 -0.72
CA GLY A 144 9.89 7.46 2.78
C GLY A 144 10.93 6.33 0.47
C GLY A 144 8.53 7.13 2.17
N ASP A 145 9.69 6.73 0.75
N ASP A 145 8.53 6.45 1.02
CA ASP A 145 8.91 6.16 1.84
CA ASP A 145 7.31 6.12 0.29
C ASP A 145 8.33 4.81 1.42
C ASP A 145 6.80 4.71 0.58
N CYS A 146 7.79 4.08 2.39
N CYS A 146 7.46 4.01 1.51
CA CYS A 146 7.09 2.81 2.14
CA CYS A 146 7.01 2.68 1.90
C CYS A 146 5.62 2.86 2.60
C CYS A 146 5.64 2.77 2.56
N GLY A 147 4.82 1.85 2.15
CA GLY A 147 3.44 1.73 2.55
C GLY A 147 2.44 2.24 1.53
N ALA A 148 2.90 2.95 0.50
CA ALA A 148 1.98 3.45 -0.51
C ALA A 148 1.30 2.28 -1.22
N PRO A 149 0.01 2.40 -1.51
CA PRO A 149 -0.71 1.27 -2.11
C PRO A 149 -0.45 1.17 -3.60
N TYR A 150 -0.49 -0.09 -4.08
CA TYR A 150 -0.50 -0.44 -5.50
C TYR A 150 -1.94 -0.74 -5.87
N VAL A 151 -2.48 0.01 -6.82
CA VAL A 151 -3.88 -0.10 -7.20
C VAL A 151 -4.01 -0.28 -8.71
N HIS A 152 -5.13 -0.84 -9.13
CA HIS A 152 -5.46 -0.91 -10.54
C HIS A 152 -6.97 -0.95 -10.68
N LYS A 153 -7.47 -0.54 -11.83
CA LYS A 153 -8.90 -0.45 -12.05
C LYS A 153 -9.32 -1.65 -12.89
N ARG A 154 -10.27 -2.42 -12.38
CA ARG A 154 -10.80 -3.58 -13.08
C ARG A 154 -12.29 -3.35 -13.29
N GLY A 155 -12.70 -3.23 -14.54
CA GLY A 155 -14.06 -2.83 -14.81
C GLY A 155 -14.32 -1.47 -14.20
N ASN A 156 -15.38 -1.38 -13.40
CA ASN A 156 -15.77 -0.11 -12.81
C ASN A 156 -15.14 0.14 -11.45
N ASP A 157 -14.37 -0.80 -10.92
CA ASP A 157 -13.93 -0.76 -9.52
C ASP A 157 -12.42 -0.75 -9.42
N TRP A 158 -11.94 0.04 -8.47
CA TRP A 158 -10.53 0.02 -8.13
C TRP A 158 -10.26 -1.10 -7.14
N VAL A 159 -9.09 -1.72 -7.31
CA VAL A 159 -8.60 -2.84 -6.52
CA VAL A 159 -8.66 -2.74 -6.37
C VAL A 159 -7.27 -2.40 -5.91
N VAL A 160 -7.01 -2.75 -4.66
CA VAL A 160 -5.69 -2.59 -4.07
C VAL A 160 -5.06 -3.96 -3.95
N CYS A 161 -3.79 -4.06 -4.32
CA CYS A 161 -3.16 -5.36 -4.37
C CYS A 161 -1.81 -5.46 -3.71
N GLY A 162 -1.30 -4.40 -3.10
CA GLY A 162 -0.04 -4.48 -2.40
C GLY A 162 0.29 -3.14 -1.78
N VAL A 163 1.37 -3.15 -0.99
CA VAL A 163 1.90 -1.94 -0.35
C VAL A 163 3.40 -1.84 -0.63
N HIS A 164 3.87 -0.64 -0.90
CA HIS A 164 5.26 -0.48 -1.34
C HIS A 164 6.23 -0.91 -0.25
N ALA A 165 7.18 -1.78 -0.61
CA ALA A 165 8.10 -2.34 0.36
C ALA A 165 9.57 -2.14 0.02
N ALA A 166 9.93 -2.10 -1.27
CA ALA A 166 11.35 -2.10 -1.62
C ALA A 166 11.51 -1.61 -3.06
N ALA A 167 12.72 -1.15 -3.36
CA ALA A 167 13.04 -0.72 -4.72
C ALA A 167 14.54 -0.69 -4.89
N THR A 168 14.96 -0.75 -6.15
CA THR A 168 16.36 -0.47 -6.47
C THR A 168 16.40 0.69 -7.46
N ASN A 172 15.36 0.25 -11.66
CA ASN A 172 14.00 0.62 -12.04
C ASN A 172 12.96 -0.40 -11.59
N THR A 173 13.31 -1.21 -10.57
CA THR A 173 12.49 -2.31 -10.10
C THR A 173 11.94 -1.98 -8.72
N VAL A 174 10.71 -2.40 -8.47
CA VAL A 174 10.05 -2.20 -7.19
C VAL A 174 9.46 -3.52 -6.74
N VAL A 175 9.16 -3.59 -5.43
CA VAL A 175 8.44 -4.71 -4.84
C VAL A 175 7.35 -4.17 -3.92
N CYS A 176 6.15 -4.68 -4.08
CA CYS A 176 5.11 -4.48 -3.08
C CYS A 176 4.93 -5.75 -2.27
N ALA A 177 4.73 -5.58 -0.97
CA ALA A 177 4.29 -6.70 -0.14
C ALA A 177 2.83 -6.99 -0.45
N VAL A 178 2.47 -8.28 -0.41
CA VAL A 178 1.11 -8.70 -0.73
C VAL A 178 0.57 -9.59 0.38
N GLN A 179 -0.76 -9.61 0.46
CA GLN A 179 -1.55 -10.41 1.39
C GLN A 179 -3.00 -10.47 0.89
N ALA A 180 -3.65 -11.61 1.11
CA ALA A 180 -5.04 -11.77 0.68
C ALA A 180 -5.99 -10.87 1.48
O42 V64 B . 16.10 -4.72 -2.07
C36 V64 B . 15.83 -3.75 -2.70
O37 V64 B . 15.18 -3.80 -3.96
C38 V64 B . 14.97 -5.07 -4.58
C39 V64 B . 16.33 -5.75 -4.91
C40 V64 B . 14.11 -5.98 -3.66
C41 V64 B . 14.18 -4.81 -5.89
O01 V64 B . 14.19 -1.20 -0.81
C02 V64 B . 15.05 -1.74 -0.18
N18 V64 B . 13.67 3.63 -2.80
C27 V64 B . 16.36 -2.17 -0.81
C28 V64 B . 17.38 -1.04 -0.63
C29 V64 B . 18.81 -1.53 -0.92
N35 V64 B . 16.17 -2.40 -2.21
C5 V64 B . 13.48 4.37 -4.05
N13 V64 B . 12.16 0.35 1.49
C14 V64 B . 11.81 1.77 1.38
C15 V64 B . 11.52 2.09 -0.09
C16 V64 B . 12.82 2.19 -0.89
C17 V64 B . 12.54 2.94 -2.20
O23 V64 B . 11.45 2.99 -2.70
C24 V64 B . 10.62 2.04 2.28
O25 V64 B . 10.94 1.94 3.56
N03 V64 B . 14.90 -2.02 1.25
C04 V64 B . 13.68 -1.60 1.87
C12 V64 B . 13.53 -0.09 1.73
O26 V64 B . 14.42 0.69 1.83
C05 V64 B . 13.67 -1.90 3.38
C06 V64 B . 13.59 -3.42 3.74
C07 V64 B . 12.32 -4.04 3.14
C08 V64 B . 12.08 -5.45 3.65
C09 V64 B . 12.00 -5.49 5.17
C10 V64 B . 13.26 -4.91 5.84
C11 V64 B . 13.65 -3.52 5.28
#